data_1C7I
#
_entry.id   1C7I
#
_cell.length_a   66.068
_cell.length_b   80.322
_cell.length_c   100.252
_cell.angle_alpha   90.00
_cell.angle_beta   90.00
_cell.angle_gamma   90.00
#
_symmetry.space_group_name_H-M   'P 21 21 21'
#
loop_
_entity.id
_entity.type
_entity.pdbx_description
1 polymer 'PROTEIN (PARA-NITROBENZYL ESTERASE)'
2 non-polymer 'CALCIUM ION'
3 water water
#
_entity_poly.entity_id   1
_entity_poly.type   'polypeptide(L)'
_entity_poly.pdbx_seq_one_letter_code
;MTHQIVTTQYGKVKGTTENGVHKWKGIPYAKPPVGQWRFKAPEPPEVWEDVLDATVYGPVCPQPSDLLSLSYKELPRQSE
DCLYVNVFAPDTPSQNLPVMVWIHGGAFYLGAGSEPLYDGSKLAAQGEVIVVTLNYRLGPFGFMHLSSFDEAYSDNLGLL
DQAAALKWVRENISAFGGDPDNVTVFGESAGGMSIAALLAMPAAKGLFQKAIMESGASRTMTKEQAASTAAAFLQVLGIN
ESQLDRLHTVAAEDLLKAADQLRIAEKENIFQLFFQPALDPKTLPEEPEKSIAEGAASGIPLLIGTTRDEGYFFFTPDSD
VYSQETLDAALEYLLGKPLAEKVADLYPRSLESQIHMVTDLLFWRPAVAFASAQSHYAPVWMYRFDWHPEKPPYNKAFHT
LELPFVFGNLDELERMAKAEITDEVKQLSHTIQSAWTTFAKTGNPSTEAVNWPAYHEESRETVILDSEITIENDPESEKR
QKLFPSKGE
;
_entity_poly.pdbx_strand_id   A
#
loop_
_chem_comp.id
_chem_comp.type
_chem_comp.name
_chem_comp.formula
CA non-polymer 'CALCIUM ION' 'Ca 2'
#
# COMPACT_ATOMS: atom_id res chain seq x y z
N THR A 2 10.90 -29.46 14.49
CA THR A 2 9.86 -29.12 13.47
C THR A 2 8.53 -28.70 14.09
N HIS A 3 8.48 -28.48 15.40
CA HIS A 3 7.20 -28.09 16.00
C HIS A 3 6.95 -26.59 15.86
N GLN A 4 7.92 -25.91 15.26
CA GLN A 4 7.82 -24.47 14.94
C GLN A 4 7.61 -23.46 16.05
N ILE A 5 8.33 -23.59 17.16
CA ILE A 5 8.21 -22.61 18.23
C ILE A 5 9.35 -21.65 17.97
N VAL A 6 9.02 -20.35 17.88
CA VAL A 6 10.03 -19.33 17.63
C VAL A 6 9.98 -18.28 18.70
N THR A 7 11.15 -17.87 19.18
CA THR A 7 11.24 -16.86 20.22
C THR A 7 11.39 -15.48 19.59
N THR A 8 10.42 -14.61 19.84
CA THR A 8 10.48 -13.25 19.35
C THR A 8 10.97 -12.43 20.54
N GLN A 9 11.29 -11.16 20.33
CA GLN A 9 11.80 -10.33 21.42
C GLN A 9 10.79 -10.13 22.53
N TYR A 10 9.54 -10.51 22.29
CA TYR A 10 8.49 -10.34 23.29
C TYR A 10 7.93 -11.65 23.83
N GLY A 11 8.38 -12.77 23.28
CA GLY A 11 7.89 -14.06 23.74
C GLY A 11 7.85 -15.10 22.65
N LYS A 12 7.61 -16.34 23.03
CA LYS A 12 7.55 -17.45 22.08
C LYS A 12 6.23 -17.52 21.36
N VAL A 13 6.28 -17.91 20.09
CA VAL A 13 5.08 -18.07 19.27
C VAL A 13 5.19 -19.45 18.63
N LYS A 14 4.05 -20.13 18.48
CA LYS A 14 4.06 -21.45 17.89
C LYS A 14 3.26 -21.50 16.61
N GLY A 15 3.93 -21.80 15.50
CA GLY A 15 3.24 -21.85 14.23
C GLY A 15 2.80 -23.23 13.81
N THR A 16 2.71 -23.43 12.50
CA THR A 16 2.31 -24.70 11.93
C THR A 16 2.93 -24.87 10.55
N THR A 17 2.87 -26.07 10.00
CA THR A 17 3.43 -26.33 8.68
C THR A 17 2.36 -26.98 7.78
N GLU A 18 2.12 -26.36 6.64
CA GLU A 18 1.13 -26.85 5.68
C GLU A 18 1.69 -26.83 4.27
N ASN A 19 1.56 -27.96 3.56
CA ASN A 19 2.03 -28.08 2.19
C ASN A 19 3.41 -27.49 1.93
N GLY A 20 4.34 -27.73 2.83
CA GLY A 20 5.69 -27.22 2.65
C GLY A 20 5.90 -25.75 2.95
N VAL A 21 5.02 -25.18 3.76
CA VAL A 21 5.13 -23.77 4.14
C VAL A 21 4.84 -23.59 5.63
N HIS A 22 5.82 -23.05 6.37
CA HIS A 22 5.66 -22.80 7.79
C HIS A 22 4.85 -21.51 7.90
N LYS A 23 3.87 -21.49 8.79
CA LYS A 23 3.02 -20.32 8.94
C LYS A 23 2.78 -19.95 10.39
N TRP A 24 2.85 -18.64 10.66
CA TRP A 24 2.63 -18.06 11.98
C TRP A 24 1.70 -16.89 11.73
N LYS A 25 0.50 -16.93 12.31
CA LYS A 25 -0.49 -15.88 12.11
C LYS A 25 -0.86 -15.20 13.41
N GLY A 26 -1.08 -13.89 13.35
CA GLY A 26 -1.47 -13.13 14.53
C GLY A 26 -0.40 -12.86 15.57
N ILE A 27 0.80 -12.49 15.12
CA ILE A 27 1.88 -12.18 16.06
C ILE A 27 1.83 -10.69 16.42
N PRO A 28 1.73 -10.36 17.71
CA PRO A 28 1.67 -8.96 18.14
C PRO A 28 2.99 -8.25 17.89
N TYR A 29 2.94 -7.05 17.31
CA TYR A 29 4.18 -6.31 17.08
C TYR A 29 4.15 -4.98 17.80
N ALA A 30 3.00 -4.65 18.39
CA ALA A 30 2.85 -3.41 19.13
C ALA A 30 1.74 -3.53 20.16
N LYS A 31 1.66 -2.55 21.06
CA LYS A 31 0.63 -2.55 22.07
C LYS A 31 -0.68 -2.11 21.42
N PRO A 32 -1.79 -2.82 21.70
CA PRO A 32 -3.07 -2.44 21.10
C PRO A 32 -3.29 -0.94 21.26
N PRO A 33 -3.43 -0.20 20.16
CA PRO A 33 -3.64 1.24 20.25
C PRO A 33 -5.07 1.59 20.64
N VAL A 34 -5.49 1.14 21.83
CA VAL A 34 -6.85 1.38 22.30
C VAL A 34 -6.89 2.40 23.44
N GLY A 35 -8.05 3.02 23.61
CA GLY A 35 -8.21 4.01 24.67
C GLY A 35 -7.17 5.11 24.69
N GLN A 36 -6.48 5.23 25.81
CA GLN A 36 -5.44 6.24 26.01
C GLN A 36 -4.28 6.16 25.02
N TRP A 37 -4.15 5.02 24.34
CA TRP A 37 -3.06 4.85 23.37
C TRP A 37 -3.51 5.16 21.95
N ARG A 38 -4.75 5.62 21.84
CA ARG A 38 -5.34 5.99 20.57
C ARG A 38 -4.71 7.34 20.18
N PHE A 39 -4.35 7.47 18.91
CA PHE A 39 -3.74 8.70 18.40
C PHE A 39 -2.30 8.89 18.87
N LYS A 40 -1.72 7.83 19.42
CA LYS A 40 -0.34 7.87 19.90
C LYS A 40 0.51 6.88 19.12
N ALA A 41 1.80 7.17 19.02
CA ALA A 41 2.71 6.30 18.30
C ALA A 41 2.64 4.88 18.88
N PRO A 42 2.90 3.86 18.05
CA PRO A 42 2.85 2.48 18.53
C PRO A 42 3.96 2.18 19.53
N GLU A 43 3.62 1.46 20.59
CA GLU A 43 4.60 1.09 21.62
C GLU A 43 4.79 -0.43 21.56
N PRO A 44 5.90 -0.93 22.13
CA PRO A 44 6.15 -2.37 22.09
C PRO A 44 5.03 -3.06 22.88
N PRO A 45 4.70 -4.31 22.51
CA PRO A 45 3.63 -4.98 23.26
C PRO A 45 4.21 -5.53 24.56
N GLU A 46 3.35 -5.75 25.55
CA GLU A 46 3.84 -6.31 26.82
C GLU A 46 4.32 -7.74 26.53
N VAL A 47 5.46 -8.11 27.09
CA VAL A 47 6.02 -9.43 26.88
C VAL A 47 5.16 -10.52 27.50
N TRP A 48 5.29 -11.73 26.98
CA TRP A 48 4.56 -12.88 27.49
C TRP A 48 5.58 -14.00 27.62
N GLU A 49 5.50 -14.77 28.70
CA GLU A 49 6.46 -15.86 28.88
C GLU A 49 5.88 -17.25 28.63
N ASP A 50 4.61 -17.31 28.26
CA ASP A 50 3.97 -18.58 27.96
C ASP A 50 4.29 -18.89 26.49
N VAL A 51 3.39 -19.58 25.81
CA VAL A 51 3.59 -19.90 24.40
C VAL A 51 2.37 -19.47 23.62
N LEU A 52 2.50 -18.36 22.90
CA LEU A 52 1.40 -17.82 22.12
C LEU A 52 1.08 -18.69 20.92
N ASP A 53 -0.21 -18.99 20.76
CA ASP A 53 -0.70 -19.78 19.64
C ASP A 53 -0.80 -18.85 18.43
N ALA A 54 0.11 -19.03 17.47
CA ALA A 54 0.12 -18.19 16.28
C ALA A 54 -0.49 -18.94 15.10
N THR A 55 -1.71 -19.41 15.28
CA THR A 55 -2.36 -20.15 14.20
C THR A 55 -3.62 -19.48 13.71
N VAL A 56 -3.97 -18.34 14.32
CA VAL A 56 -5.16 -17.62 13.90
C VAL A 56 -4.85 -16.14 13.72
N TYR A 57 -5.42 -15.54 12.68
CA TYR A 57 -5.21 -14.13 12.39
C TYR A 57 -5.79 -13.21 13.47
N GLY A 58 -5.12 -12.09 13.70
CA GLY A 58 -5.62 -11.14 14.67
C GLY A 58 -6.75 -10.36 14.04
N PRO A 59 -7.43 -9.49 14.81
CA PRO A 59 -8.55 -8.70 14.26
C PRO A 59 -8.02 -7.70 13.22
N VAL A 60 -8.93 -7.17 12.40
CA VAL A 60 -8.55 -6.18 11.40
C VAL A 60 -9.02 -4.83 11.91
N CYS A 61 -8.40 -3.77 11.43
CA CYS A 61 -8.75 -2.42 11.86
C CYS A 61 -10.19 -2.09 11.46
N PRO A 62 -10.96 -1.46 12.35
CA PRO A 62 -12.35 -1.11 12.03
C PRO A 62 -12.44 -0.24 10.77
N GLN A 63 -13.44 -0.54 9.95
CA GLN A 63 -13.64 0.15 8.68
C GLN A 63 -15.04 -0.14 8.14
N PRO A 64 -15.52 0.69 7.19
CA PRO A 64 -16.85 0.34 6.68
C PRO A 64 -16.64 -0.99 5.96
N SER A 65 -17.70 -1.77 5.76
CA SER A 65 -17.55 -3.08 5.14
C SER A 65 -17.40 -3.11 3.62
N ASP A 66 -17.17 -1.95 3.02
CA ASP A 66 -17.03 -1.85 1.58
C ASP A 66 -16.15 -2.94 0.96
N LEU A 67 -14.97 -3.16 1.54
CA LEU A 67 -14.04 -4.17 1.01
C LEU A 67 -14.11 -5.54 1.68
N LEU A 68 -14.28 -5.57 2.99
CA LEU A 68 -14.34 -6.84 3.72
C LEU A 68 -15.41 -7.78 3.17
N SER A 69 -16.61 -7.24 2.95
CA SER A 69 -17.73 -8.05 2.46
C SER A 69 -17.50 -8.61 1.05
N LEU A 70 -16.40 -8.20 0.42
CA LEU A 70 -16.10 -8.69 -0.92
C LEU A 70 -14.85 -9.56 -0.91
N SER A 71 -13.88 -9.18 -0.08
CA SER A 71 -12.62 -9.90 0.00
C SER A 71 -12.73 -11.20 0.80
N TYR A 72 -13.63 -11.23 1.78
CA TYR A 72 -13.84 -12.43 2.59
C TYR A 72 -15.21 -13.00 2.30
N LYS A 73 -15.11 -14.40 2.44
CA LYS A 73 -16.41 -15.03 2.32
C LYS A 73 -17.04 -15.04 3.72
N GLU A 74 -16.38 -14.71 4.65
CA GLU A 74 -16.71 -14.72 6.07
C GLU A 74 -16.13 -13.45 6.72
N LEU A 75 -16.97 -12.45 6.96
CA LEU A 75 -16.54 -11.19 7.55
C LEU A 75 -15.68 -11.42 8.80
N PRO A 76 -14.42 -10.92 8.78
CA PRO A 76 -13.50 -11.07 9.90
C PRO A 76 -13.83 -10.15 11.06
N ARG A 77 -13.30 -10.44 12.24
CA ARG A 77 -13.57 -9.61 13.40
C ARG A 77 -12.77 -8.30 13.29
N GLN A 78 -13.36 -7.21 13.79
CA GLN A 78 -12.73 -5.90 13.75
C GLN A 78 -12.43 -5.39 15.15
N SER A 79 -11.37 -4.61 15.27
CA SER A 79 -10.97 -4.04 16.54
C SER A 79 -9.74 -3.16 16.38
N GLU A 80 -9.69 -2.09 17.18
CA GLU A 80 -8.55 -1.19 17.14
C GLU A 80 -7.35 -2.04 17.54
N ASP A 81 -7.61 -3.16 18.18
CA ASP A 81 -6.56 -4.09 18.56
C ASP A 81 -6.35 -4.91 17.30
N CYS A 82 -5.55 -4.38 16.38
CA CYS A 82 -5.30 -5.02 15.09
C CYS A 82 -3.84 -5.09 14.66
N LEU A 83 -2.93 -4.62 15.50
CA LEU A 83 -1.52 -4.61 15.12
C LEU A 83 -0.80 -5.95 15.26
N TYR A 84 -0.92 -6.76 14.21
CA TYR A 84 -0.29 -8.07 14.17
C TYR A 84 0.36 -8.32 12.80
N VAL A 85 1.36 -9.19 12.79
CA VAL A 85 2.08 -9.57 11.58
C VAL A 85 1.88 -11.07 11.39
N ASN A 86 2.04 -11.53 10.16
CA ASN A 86 1.90 -12.94 9.85
C ASN A 86 3.11 -13.32 9.02
N VAL A 87 3.64 -14.51 9.23
CA VAL A 87 4.82 -14.96 8.52
C VAL A 87 4.61 -16.28 7.78
N PHE A 88 5.02 -16.29 6.52
CA PHE A 88 4.92 -17.48 5.67
C PHE A 88 6.34 -17.80 5.21
N ALA A 89 6.83 -18.98 5.55
CA ALA A 89 8.18 -19.36 5.16
C ALA A 89 8.23 -20.73 4.52
N PRO A 90 8.97 -20.88 3.40
CA PRO A 90 9.04 -22.17 2.74
C PRO A 90 9.83 -23.18 3.57
N ASP A 91 9.37 -24.42 3.60
CA ASP A 91 10.06 -25.45 4.37
C ASP A 91 11.34 -25.80 3.62
N THR A 92 12.42 -25.11 3.95
CA THR A 92 13.71 -25.33 3.31
C THR A 92 14.79 -25.34 4.38
N PRO A 93 15.85 -26.13 4.17
CA PRO A 93 16.92 -26.16 5.18
C PRO A 93 17.68 -24.82 5.20
N SER A 94 17.79 -24.21 4.03
CA SER A 94 18.49 -22.93 3.88
C SER A 94 17.92 -21.83 4.77
N GLN A 95 18.82 -21.11 5.44
CA GLN A 95 18.44 -20.01 6.32
C GLN A 95 18.72 -18.70 5.59
N ASN A 96 18.50 -17.59 6.28
CA ASN A 96 18.71 -16.26 5.70
C ASN A 96 18.08 -16.07 4.33
N LEU A 97 16.81 -16.42 4.23
CA LEU A 97 16.07 -16.28 2.98
C LEU A 97 15.67 -14.81 2.80
N PRO A 98 15.54 -14.35 1.56
CA PRO A 98 15.15 -12.94 1.38
C PRO A 98 13.77 -12.80 2.01
N VAL A 99 13.44 -11.60 2.45
CA VAL A 99 12.15 -11.34 3.08
C VAL A 99 11.35 -10.27 2.33
N MET A 100 10.08 -10.56 2.05
CA MET A 100 9.19 -9.63 1.35
C MET A 100 8.07 -9.26 2.31
N VAL A 101 8.00 -7.98 2.66
CA VAL A 101 7.01 -7.45 3.60
C VAL A 101 5.93 -6.67 2.84
N TRP A 102 4.71 -7.19 2.92
CA TRP A 102 3.57 -6.61 2.21
C TRP A 102 2.81 -5.54 2.96
N ILE A 103 2.56 -4.41 2.30
CA ILE A 103 1.76 -3.33 2.88
C ILE A 103 0.53 -3.22 1.99
N HIS A 104 -0.62 -3.67 2.50
CA HIS A 104 -1.86 -3.67 1.72
C HIS A 104 -2.42 -2.30 1.37
N GLY A 105 -3.20 -2.27 0.29
CA GLY A 105 -3.85 -1.06 -0.17
C GLY A 105 -5.27 -0.94 0.37
N GLY A 106 -6.03 0.00 -0.18
CA GLY A 106 -7.39 0.21 0.30
C GLY A 106 -7.64 1.68 0.62
N ALA A 107 -7.00 2.56 -0.15
CA ALA A 107 -7.12 4.01 0.00
C ALA A 107 -7.03 4.57 1.42
N PHE A 108 -6.24 3.91 2.27
CA PHE A 108 -6.01 4.34 3.64
C PHE A 108 -7.15 4.20 4.64
N TYR A 109 -8.27 3.60 4.24
CA TYR A 109 -9.33 3.42 5.22
C TYR A 109 -9.94 2.03 5.16
N LEU A 110 -9.48 1.24 4.19
CA LEU A 110 -9.98 -0.13 4.01
C LEU A 110 -8.84 -1.15 3.95
N GLY A 111 -9.19 -2.43 4.12
CA GLY A 111 -8.21 -3.50 4.02
C GLY A 111 -7.63 -4.11 5.27
N ALA A 112 -6.85 -5.16 5.06
CA ALA A 112 -6.18 -5.89 6.13
C ALA A 112 -5.09 -6.76 5.49
N GLY A 113 -4.00 -6.97 6.22
CA GLY A 113 -2.92 -7.78 5.69
C GLY A 113 -3.31 -9.24 5.56
N SER A 114 -4.34 -9.64 6.29
CA SER A 114 -4.81 -11.02 6.28
C SER A 114 -5.95 -11.34 5.30
N GLU A 115 -6.20 -10.47 4.33
CA GLU A 115 -7.24 -10.75 3.34
C GLU A 115 -6.77 -12.01 2.60
N PRO A 116 -7.71 -12.90 2.22
CA PRO A 116 -7.30 -14.12 1.51
C PRO A 116 -6.41 -13.84 0.30
N LEU A 117 -6.67 -12.74 -0.38
CA LEU A 117 -5.88 -12.38 -1.56
C LEU A 117 -4.39 -12.30 -1.22
N TYR A 118 -4.08 -11.90 0.01
CA TYR A 118 -2.67 -11.76 0.44
C TYR A 118 -2.03 -12.95 1.15
N ASP A 119 -2.69 -14.10 1.16
CA ASP A 119 -2.11 -15.28 1.78
C ASP A 119 -0.77 -15.49 1.06
N GLY A 120 0.33 -15.49 1.81
CA GLY A 120 1.64 -15.63 1.20
C GLY A 120 2.23 -17.01 0.96
N SER A 121 1.45 -18.06 1.13
CA SER A 121 1.95 -19.43 0.93
C SER A 121 2.54 -19.71 -0.45
N LYS A 122 1.79 -19.40 -1.51
CA LYS A 122 2.27 -19.66 -2.87
C LYS A 122 3.50 -18.84 -3.21
N LEU A 123 3.47 -17.56 -2.85
CA LEU A 123 4.60 -16.68 -3.13
C LEU A 123 5.85 -17.16 -2.41
N ALA A 124 5.68 -17.58 -1.16
CA ALA A 124 6.80 -18.06 -0.37
C ALA A 124 7.40 -19.34 -0.96
N ALA A 125 6.53 -20.31 -1.23
CA ALA A 125 6.99 -21.58 -1.78
C ALA A 125 7.62 -21.44 -3.15
N GLN A 126 6.95 -20.72 -4.05
CA GLN A 126 7.46 -20.57 -5.41
C GLN A 126 8.68 -19.68 -5.59
N GLY A 127 8.82 -18.66 -4.75
CA GLY A 127 9.96 -17.79 -4.90
C GLY A 127 11.06 -18.15 -3.93
N GLU A 128 10.73 -19.00 -2.96
CA GLU A 128 11.66 -19.41 -1.92
C GLU A 128 12.14 -18.17 -1.15
N VAL A 129 11.17 -17.40 -0.68
CA VAL A 129 11.42 -16.21 0.11
C VAL A 129 10.44 -16.24 1.25
N ILE A 130 10.68 -15.44 2.28
CA ILE A 130 9.76 -15.36 3.39
C ILE A 130 8.77 -14.23 3.06
N VAL A 131 7.50 -14.44 3.36
CA VAL A 131 6.51 -13.40 3.10
C VAL A 131 5.87 -12.98 4.41
N VAL A 132 5.89 -11.67 4.67
CA VAL A 132 5.30 -11.11 5.87
C VAL A 132 4.17 -10.17 5.52
N THR A 133 3.01 -10.36 6.17
CA THR A 133 1.87 -9.49 5.93
C THR A 133 1.54 -8.82 7.28
N LEU A 134 0.78 -7.73 7.26
CA LEU A 134 0.53 -7.01 8.51
C LEU A 134 -0.63 -6.03 8.40
N ASN A 135 -1.10 -5.57 9.55
CA ASN A 135 -2.16 -4.57 9.61
C ASN A 135 -1.56 -3.29 10.18
N TYR A 136 -2.12 -2.15 9.79
CA TYR A 136 -1.70 -0.85 10.28
C TYR A 136 -2.99 -0.05 10.47
N ARG A 137 -2.99 0.88 11.42
CA ARG A 137 -4.20 1.67 11.67
C ARG A 137 -4.70 2.40 10.40
N LEU A 138 -6.02 2.34 10.19
CA LEU A 138 -6.66 2.97 9.02
C LEU A 138 -7.64 4.10 9.37
N GLY A 139 -8.13 4.76 8.32
CA GLY A 139 -9.08 5.84 8.46
C GLY A 139 -8.79 6.84 9.57
N PRO A 140 -9.75 7.08 10.47
CA PRO A 140 -9.59 8.02 11.58
C PRO A 140 -8.65 7.52 12.66
N PHE A 141 -8.39 6.21 12.67
CA PHE A 141 -7.51 5.63 13.66
C PHE A 141 -6.05 5.82 13.27
N GLY A 142 -5.78 5.86 11.97
CA GLY A 142 -4.39 5.99 11.53
C GLY A 142 -4.01 7.17 10.67
N PHE A 143 -4.98 7.82 10.03
CA PHE A 143 -4.66 8.95 9.18
C PHE A 143 -5.47 10.22 9.49
N MET A 144 -5.71 10.42 10.78
CA MET A 144 -6.40 11.58 11.32
C MET A 144 -5.23 12.18 12.11
N HIS A 145 -4.76 13.34 11.68
CA HIS A 145 -3.59 14.00 12.26
C HIS A 145 -3.94 15.08 13.28
N LEU A 146 -3.75 14.76 14.56
CA LEU A 146 -4.09 15.67 15.64
C LEU A 146 -2.91 16.35 16.34
N SER A 147 -1.72 16.25 15.75
CA SER A 147 -0.53 16.85 16.35
C SER A 147 -0.72 18.33 16.68
N SER A 148 -1.40 19.06 15.81
CA SER A 148 -1.63 20.49 16.01
C SER A 148 -2.45 20.76 17.27
N PHE A 149 -3.12 19.74 17.79
CA PHE A 149 -3.92 19.91 18.99
C PHE A 149 -3.18 19.47 20.24
N ASP A 150 -2.09 18.73 20.06
CA ASP A 150 -1.29 18.26 21.19
C ASP A 150 -0.03 17.54 20.70
N GLU A 151 1.13 18.06 21.11
CA GLU A 151 2.41 17.48 20.72
C GLU A 151 2.53 16.04 21.21
N ALA A 152 1.64 15.65 22.11
CA ALA A 152 1.63 14.31 22.66
C ALA A 152 1.11 13.33 21.62
N TYR A 153 0.28 13.81 20.71
CA TYR A 153 -0.28 13.01 19.63
C TYR A 153 0.70 12.95 18.47
N SER A 154 0.61 11.88 17.67
CA SER A 154 1.47 11.71 16.51
C SER A 154 0.65 11.67 15.24
N ASP A 155 1.19 12.28 14.19
CA ASP A 155 0.50 12.27 12.90
C ASP A 155 0.99 11.04 12.15
N ASN A 156 0.34 10.72 11.04
CA ASN A 156 0.75 9.58 10.23
C ASN A 156 0.90 8.29 11.03
N LEU A 157 -0.03 8.05 11.94
CA LEU A 157 0.00 6.86 12.79
C LEU A 157 0.09 5.56 12.01
N GLY A 158 -0.68 5.43 10.95
CA GLY A 158 -0.64 4.23 10.15
C GLY A 158 0.73 3.97 9.56
N LEU A 159 1.45 5.03 9.21
CA LEU A 159 2.80 4.89 8.65
C LEU A 159 3.79 4.51 9.74
N LEU A 160 3.58 5.02 10.95
CA LEU A 160 4.46 4.68 12.07
C LEU A 160 4.21 3.22 12.43
N ASP A 161 2.97 2.77 12.28
CA ASP A 161 2.65 1.37 12.57
C ASP A 161 3.43 0.50 11.61
N GLN A 162 3.42 0.89 10.34
CA GLN A 162 4.15 0.15 9.30
C GLN A 162 5.64 0.11 9.64
N ALA A 163 6.18 1.26 10.05
CA ALA A 163 7.60 1.33 10.41
C ALA A 163 7.88 0.42 11.59
N ALA A 164 6.96 0.34 12.54
CA ALA A 164 7.16 -0.51 13.70
C ALA A 164 7.15 -1.99 13.29
N ALA A 165 6.30 -2.36 12.35
CA ALA A 165 6.25 -3.74 11.88
C ALA A 165 7.57 -4.08 11.19
N LEU A 166 8.11 -3.12 10.43
CA LEU A 166 9.36 -3.32 9.73
C LEU A 166 10.53 -3.44 10.71
N LYS A 167 10.45 -2.72 11.83
CA LYS A 167 11.50 -2.79 12.84
C LYS A 167 11.42 -4.18 13.47
N TRP A 168 10.21 -4.67 13.66
CA TRP A 168 9.98 -5.99 14.22
C TRP A 168 10.62 -7.04 13.30
N VAL A 169 10.45 -6.84 11.99
CA VAL A 169 11.02 -7.77 11.01
C VAL A 169 12.55 -7.77 11.11
N ARG A 170 13.13 -6.59 11.23
CA ARG A 170 14.58 -6.47 11.33
C ARG A 170 15.09 -7.17 12.59
N GLU A 171 14.38 -6.97 13.70
CA GLU A 171 14.78 -7.57 14.97
C GLU A 171 14.44 -9.04 15.18
N ASN A 172 13.42 -9.54 14.49
CA ASN A 172 12.97 -10.93 14.71
C ASN A 172 13.01 -11.93 13.56
N ILE A 173 12.95 -11.46 12.31
CA ILE A 173 12.89 -12.37 11.19
C ILE A 173 13.98 -13.44 11.08
N SER A 174 15.18 -13.16 11.58
CA SER A 174 16.24 -14.16 11.49
C SER A 174 15.80 -15.41 12.23
N ALA A 175 14.93 -15.25 13.23
CA ALA A 175 14.46 -16.39 14.02
C ALA A 175 13.50 -17.26 13.21
N PHE A 176 12.91 -16.69 12.16
CA PHE A 176 11.98 -17.40 11.31
C PHE A 176 12.67 -17.92 10.06
N GLY A 177 13.99 -17.73 9.99
CA GLY A 177 14.76 -18.19 8.85
C GLY A 177 15.06 -17.13 7.81
N GLY A 178 14.79 -15.87 8.16
CA GLY A 178 15.02 -14.79 7.21
C GLY A 178 16.29 -13.99 7.38
N ASP A 179 16.60 -13.20 6.36
CA ASP A 179 17.78 -12.36 6.37
C ASP A 179 17.30 -10.93 6.59
N PRO A 180 17.57 -10.36 7.77
CA PRO A 180 17.16 -8.98 8.08
C PRO A 180 17.88 -7.92 7.26
N ASP A 181 18.92 -8.33 6.52
CA ASP A 181 19.66 -7.38 5.70
C ASP A 181 19.25 -7.48 4.24
N ASN A 182 18.22 -8.28 3.96
CA ASN A 182 17.72 -8.40 2.59
C ASN A 182 16.20 -8.35 2.65
N VAL A 183 15.68 -7.21 3.08
CA VAL A 183 14.25 -6.99 3.21
C VAL A 183 13.74 -6.13 2.06
N THR A 184 12.71 -6.63 1.39
CA THR A 184 12.08 -5.91 0.28
C THR A 184 10.66 -5.57 0.72
N VAL A 185 10.31 -4.30 0.68
CA VAL A 185 8.97 -3.91 1.06
C VAL A 185 8.17 -3.77 -0.24
N PHE A 186 6.94 -4.28 -0.25
CA PHE A 186 6.11 -4.14 -1.44
C PHE A 186 4.67 -3.87 -1.06
N GLY A 187 3.98 -3.12 -1.92
CA GLY A 187 2.60 -2.76 -1.63
C GLY A 187 1.89 -2.20 -2.83
N GLU A 188 0.57 -2.19 -2.77
CA GLU A 188 -0.24 -1.71 -3.88
C GLU A 188 -1.22 -0.67 -3.38
N SER A 189 -1.60 0.26 -4.26
CA SER A 189 -2.56 1.31 -3.89
C SER A 189 -1.99 2.09 -2.71
N ALA A 190 -2.74 2.20 -1.61
CA ALA A 190 -2.27 2.91 -0.42
C ALA A 190 -0.97 2.31 0.12
N GLY A 191 -0.71 1.04 -0.17
CA GLY A 191 0.52 0.41 0.27
C GLY A 191 1.71 0.93 -0.53
N GLY A 192 1.48 1.21 -1.81
CA GLY A 192 2.54 1.75 -2.65
C GLY A 192 2.84 3.18 -2.26
N MET A 193 1.78 3.93 -1.93
CA MET A 193 1.89 5.32 -1.51
C MET A 193 2.56 5.39 -0.12
N SER A 194 2.30 4.39 0.71
CA SER A 194 2.91 4.31 2.05
C SER A 194 4.41 4.06 1.91
N ILE A 195 4.77 3.22 0.94
CA ILE A 195 6.18 2.91 0.71
C ILE A 195 6.89 4.16 0.21
N ALA A 196 6.17 4.98 -0.56
CA ALA A 196 6.76 6.22 -1.06
C ALA A 196 7.17 7.04 0.15
N ALA A 197 6.27 7.14 1.12
CA ALA A 197 6.50 7.88 2.35
C ALA A 197 7.57 7.25 3.24
N LEU A 198 7.53 5.92 3.38
CA LEU A 198 8.52 5.25 4.22
C LEU A 198 9.93 5.49 3.65
N LEU A 199 10.03 5.60 2.34
CA LEU A 199 11.32 5.86 1.69
C LEU A 199 11.82 7.26 2.05
N ALA A 200 10.92 8.13 2.49
CA ALA A 200 11.29 9.50 2.86
C ALA A 200 11.12 9.82 4.34
N MET A 201 10.86 8.82 5.16
CA MET A 201 10.67 9.03 6.59
C MET A 201 11.93 8.68 7.38
N PRO A 202 12.50 9.67 8.11
CA PRO A 202 13.71 9.46 8.90
C PRO A 202 13.65 8.24 9.80
N ALA A 203 12.52 8.06 10.48
CA ALA A 203 12.35 6.93 11.39
C ALA A 203 12.16 5.58 10.69
N ALA A 204 12.40 5.54 9.39
CA ALA A 204 12.26 4.30 8.64
C ALA A 204 13.58 3.98 7.95
N LYS A 205 14.59 4.82 8.20
CA LYS A 205 15.91 4.63 7.62
C LYS A 205 16.48 3.25 7.93
N GLY A 206 16.98 2.58 6.90
CA GLY A 206 17.57 1.27 7.07
C GLY A 206 16.64 0.11 7.42
N LEU A 207 15.33 0.31 7.31
CA LEU A 207 14.39 -0.77 7.65
C LEU A 207 14.11 -1.73 6.49
N PHE A 208 14.61 -1.40 5.31
CA PHE A 208 14.47 -2.27 4.14
C PHE A 208 15.49 -1.87 3.10
N GLN A 209 15.87 -2.82 2.26
CA GLN A 209 16.88 -2.59 1.26
C GLN A 209 16.41 -2.52 -0.20
N LYS A 210 15.16 -2.91 -0.44
CA LYS A 210 14.59 -2.89 -1.78
C LYS A 210 13.10 -2.51 -1.66
N ALA A 211 12.51 -2.00 -2.74
CA ALA A 211 11.10 -1.63 -2.70
C ALA A 211 10.34 -1.85 -4.00
N ILE A 212 9.07 -2.23 -3.86
CA ILE A 212 8.18 -2.47 -4.99
C ILE A 212 6.93 -1.64 -4.76
N MET A 213 6.67 -0.70 -5.67
CA MET A 213 5.50 0.16 -5.54
C MET A 213 4.54 -0.07 -6.70
N GLU A 214 3.44 -0.77 -6.40
CA GLU A 214 2.44 -1.10 -7.40
C GLU A 214 1.27 -0.10 -7.33
N SER A 215 0.98 0.56 -8.46
CA SER A 215 -0.12 1.52 -8.52
C SER A 215 -0.20 2.44 -7.30
N GLY A 216 0.88 3.16 -7.03
CA GLY A 216 0.88 4.04 -5.88
C GLY A 216 2.24 4.69 -5.70
N ALA A 217 2.26 6.02 -5.63
CA ALA A 217 3.52 6.73 -5.44
C ALA A 217 3.34 7.88 -4.44
N SER A 218 4.04 8.99 -4.63
CA SER A 218 3.94 10.10 -3.69
C SER A 218 2.49 10.56 -3.53
N ARG A 219 2.02 10.58 -2.28
CA ARG A 219 0.65 10.98 -1.96
C ARG A 219 0.60 11.56 -0.54
N THR A 220 0.34 12.87 -0.45
CA THR A 220 0.27 13.56 0.84
C THR A 220 -0.65 14.76 0.77
N MET A 221 -1.09 15.21 1.94
CA MET A 221 -1.90 16.42 2.05
C MET A 221 -0.99 17.34 2.84
N THR A 222 -1.19 18.64 2.71
CA THR A 222 -0.37 19.64 3.41
C THR A 222 -0.61 19.59 4.92
N LYS A 223 0.28 20.20 5.68
CA LYS A 223 0.16 20.25 7.13
C LYS A 223 -1.09 21.07 7.45
N GLU A 224 -1.33 22.10 6.64
CA GLU A 224 -2.48 22.97 6.83
C GLU A 224 -3.80 22.20 6.69
N GLN A 225 -3.92 21.44 5.60
CA GLN A 225 -5.13 20.65 5.36
C GLN A 225 -5.36 19.65 6.49
N ALA A 226 -4.28 19.02 6.95
CA ALA A 226 -4.39 18.05 8.03
C ALA A 226 -5.01 18.67 9.28
N ALA A 227 -4.56 19.86 9.63
CA ALA A 227 -5.09 20.58 10.79
C ALA A 227 -6.54 20.97 10.55
N SER A 228 -6.83 21.38 9.33
CA SER A 228 -8.17 21.80 8.93
C SER A 228 -9.17 20.63 9.02
N THR A 229 -8.74 19.47 8.53
CA THR A 229 -9.57 18.28 8.56
C THR A 229 -9.73 17.73 9.98
N ALA A 230 -8.71 17.94 10.81
CA ALA A 230 -8.77 17.49 12.20
C ALA A 230 -9.80 18.30 12.99
N ALA A 231 -9.77 19.62 12.81
CA ALA A 231 -10.71 20.49 13.51
C ALA A 231 -12.13 20.14 13.06
N ALA A 232 -12.31 20.00 11.75
CA ALA A 232 -13.62 19.67 11.19
C ALA A 232 -14.10 18.34 11.75
N PHE A 233 -13.17 17.43 11.98
CA PHE A 233 -13.50 16.12 12.51
C PHE A 233 -13.94 16.23 13.98
N LEU A 234 -13.18 16.99 14.77
CA LEU A 234 -13.50 17.19 16.18
C LEU A 234 -14.90 17.80 16.35
N GLN A 235 -15.25 18.73 15.48
CA GLN A 235 -16.57 19.36 15.55
C GLN A 235 -17.66 18.31 15.44
N VAL A 236 -17.59 17.49 14.39
CA VAL A 236 -18.57 16.44 14.17
C VAL A 236 -18.72 15.58 15.41
N LEU A 237 -17.67 15.54 16.24
CA LEU A 237 -17.69 14.75 17.46
C LEU A 237 -18.15 15.55 18.67
N GLY A 238 -18.29 16.87 18.48
CA GLY A 238 -18.71 17.73 19.58
C GLY A 238 -17.60 17.93 20.58
N ILE A 239 -16.37 17.71 20.14
CA ILE A 239 -15.19 17.84 20.98
C ILE A 239 -14.46 19.14 20.65
N ASN A 240 -13.96 19.82 21.68
CA ASN A 240 -13.21 21.05 21.46
C ASN A 240 -11.87 20.98 22.16
N GLU A 241 -11.03 21.98 21.90
CA GLU A 241 -9.68 22.05 22.48
C GLU A 241 -9.53 21.66 23.94
N SER A 242 -10.57 21.86 24.76
CA SER A 242 -10.46 21.52 26.18
C SER A 242 -11.14 20.21 26.57
N GLN A 243 -11.70 19.49 25.59
CA GLN A 243 -12.37 18.24 25.87
C GLN A 243 -11.71 17.06 25.16
N LEU A 244 -10.41 17.19 24.90
CA LEU A 244 -9.68 16.13 24.21
C LEU A 244 -9.73 14.79 24.94
N ASP A 245 -10.44 14.75 26.06
CA ASP A 245 -10.57 13.52 26.84
C ASP A 245 -11.42 12.49 26.12
N ARG A 246 -12.57 12.93 25.62
CA ARG A 246 -13.51 12.07 24.93
C ARG A 246 -12.90 11.34 23.73
N LEU A 247 -11.79 11.85 23.22
CA LEU A 247 -11.13 11.22 22.08
C LEU A 247 -10.64 9.83 22.47
N HIS A 248 -10.32 9.67 23.74
CA HIS A 248 -9.82 8.39 24.24
C HIS A 248 -10.88 7.55 24.95
N THR A 249 -12.12 8.00 24.95
CA THR A 249 -13.20 7.25 25.61
C THR A 249 -14.35 6.92 24.67
N VAL A 250 -14.49 7.69 23.61
CA VAL A 250 -15.56 7.47 22.63
C VAL A 250 -15.33 6.12 21.92
N ALA A 251 -16.42 5.41 21.65
CA ALA A 251 -16.33 4.11 20.99
C ALA A 251 -15.79 4.22 19.57
N ALA A 252 -15.02 3.21 19.18
CA ALA A 252 -14.43 3.17 17.84
C ALA A 252 -15.53 3.25 16.79
N GLU A 253 -16.66 2.62 17.08
CA GLU A 253 -17.79 2.64 16.16
C GLU A 253 -18.27 4.07 15.89
N ASP A 254 -18.15 4.94 16.89
CA ASP A 254 -18.57 6.33 16.74
C ASP A 254 -17.55 7.13 15.94
N LEU A 255 -16.30 6.70 15.96
CA LEU A 255 -15.26 7.39 15.20
C LEU A 255 -15.47 7.11 13.71
N LEU A 256 -15.94 5.92 13.38
CA LEU A 256 -16.21 5.56 11.99
C LEU A 256 -17.40 6.36 11.45
N LYS A 257 -18.41 6.55 12.29
CA LYS A 257 -19.59 7.31 11.89
C LYS A 257 -19.20 8.76 11.65
N ALA A 258 -18.40 9.31 12.56
CA ALA A 258 -17.94 10.68 12.43
C ALA A 258 -17.18 10.85 11.13
N ALA A 259 -16.35 9.87 10.80
CA ALA A 259 -15.56 9.91 9.57
C ALA A 259 -16.47 9.94 8.34
N ASP A 260 -17.47 9.08 8.29
CA ASP A 260 -18.37 9.06 7.14
C ASP A 260 -19.19 10.35 7.03
N GLN A 261 -19.56 10.92 8.17
CA GLN A 261 -20.31 12.17 8.17
C GLN A 261 -19.41 13.25 7.61
N LEU A 262 -18.15 13.22 8.02
CA LEU A 262 -17.15 14.17 7.57
C LEU A 262 -17.00 14.03 6.06
N ARG A 263 -16.90 12.79 5.61
CA ARG A 263 -16.78 12.48 4.20
C ARG A 263 -17.89 13.19 3.43
N ILE A 264 -19.12 13.04 3.92
CA ILE A 264 -20.30 13.65 3.32
C ILE A 264 -20.34 15.16 3.49
N ALA A 265 -20.04 15.63 4.69
CA ALA A 265 -20.05 17.06 4.99
C ALA A 265 -19.13 17.84 4.07
N GLU A 266 -17.87 17.41 3.99
CA GLU A 266 -16.90 18.09 3.16
C GLU A 266 -16.86 17.61 1.72
N LYS A 267 -17.88 16.85 1.33
CA LYS A 267 -17.98 16.36 -0.04
C LYS A 267 -16.68 15.79 -0.59
N GLU A 268 -16.20 14.71 0.03
CA GLU A 268 -14.96 14.07 -0.40
C GLU A 268 -15.10 13.44 -1.77
N ASN A 269 -14.08 13.63 -2.61
CA ASN A 269 -14.07 13.02 -3.94
C ASN A 269 -12.75 12.27 -4.06
N ILE A 270 -12.66 11.36 -5.03
CA ILE A 270 -11.47 10.53 -5.21
C ILE A 270 -10.15 11.26 -5.38
N PHE A 271 -10.18 12.50 -5.88
CA PHE A 271 -8.95 13.25 -6.09
C PHE A 271 -8.31 13.83 -4.84
N GLN A 272 -9.05 13.86 -3.73
CA GLN A 272 -8.51 14.36 -2.46
C GLN A 272 -9.11 13.64 -1.25
N LEU A 273 -8.67 12.42 -1.01
CA LEU A 273 -9.16 11.65 0.14
C LEU A 273 -8.96 12.46 1.41
N PHE A 274 -9.85 12.25 2.38
CA PHE A 274 -9.76 12.98 3.64
C PHE A 274 -8.76 12.38 4.60
N PHE A 275 -8.55 11.07 4.47
CA PHE A 275 -7.59 10.38 5.31
C PHE A 275 -6.50 9.84 4.43
N GLN A 276 -5.31 10.42 4.55
CA GLN A 276 -4.13 10.02 3.79
C GLN A 276 -2.93 10.61 4.51
N PRO A 277 -1.70 10.26 4.08
CA PRO A 277 -0.51 10.81 4.73
C PRO A 277 -0.48 12.34 4.70
N ALA A 278 0.20 12.95 5.66
CA ALA A 278 0.28 14.40 5.72
C ALA A 278 1.69 14.85 6.08
N LEU A 279 2.08 16.02 5.58
CA LEU A 279 3.41 16.54 5.91
C LEU A 279 3.36 16.86 7.40
N ASP A 280 4.46 16.58 8.10
CA ASP A 280 4.61 16.80 9.53
C ASP A 280 6.10 16.69 9.82
N PRO A 281 6.70 17.75 10.41
CA PRO A 281 8.13 17.74 10.72
C PRO A 281 8.65 16.51 11.46
N LYS A 282 7.89 16.03 12.44
CA LYS A 282 8.28 14.87 13.24
C LYS A 282 8.18 13.50 12.57
N THR A 283 7.34 13.38 11.53
CA THR A 283 7.16 12.07 10.91
C THR A 283 7.42 12.03 9.41
N LEU A 284 6.79 12.92 8.67
CA LEU A 284 6.95 12.99 7.22
C LEU A 284 7.26 14.45 6.87
N PRO A 285 8.53 14.87 7.05
CA PRO A 285 9.04 16.22 6.79
C PRO A 285 8.63 16.85 5.47
N GLU A 286 8.62 16.07 4.38
CA GLU A 286 8.24 16.63 3.09
C GLU A 286 7.73 15.60 2.09
N GLU A 287 7.19 16.10 0.99
CA GLU A 287 6.66 15.26 -0.07
C GLU A 287 7.70 14.20 -0.46
N PRO A 288 7.31 12.92 -0.43
CA PRO A 288 8.24 11.84 -0.78
C PRO A 288 8.99 12.07 -2.08
N GLU A 289 8.27 12.45 -3.13
CA GLU A 289 8.87 12.70 -4.43
C GLU A 289 10.03 13.69 -4.32
N LYS A 290 9.85 14.74 -3.50
CA LYS A 290 10.88 15.75 -3.32
C LYS A 290 12.09 15.15 -2.59
N SER A 291 11.85 14.43 -1.50
CA SER A 291 12.93 13.81 -0.74
C SER A 291 13.76 12.85 -1.59
N ILE A 292 13.08 12.01 -2.37
CA ILE A 292 13.75 11.05 -3.23
C ILE A 292 14.63 11.75 -4.27
N ALA A 293 14.17 12.89 -4.77
CA ALA A 293 14.93 13.65 -5.76
C ALA A 293 16.19 14.21 -5.12
N GLU A 294 16.20 14.26 -3.79
CA GLU A 294 17.34 14.75 -3.05
C GLU A 294 18.27 13.60 -2.69
N GLY A 295 17.87 12.38 -3.07
CA GLY A 295 18.69 11.21 -2.79
C GLY A 295 18.42 10.50 -1.48
N ALA A 296 17.31 10.84 -0.83
CA ALA A 296 16.95 10.22 0.44
C ALA A 296 16.90 8.69 0.41
N ALA A 297 16.68 8.11 -0.78
CA ALA A 297 16.59 6.66 -0.92
C ALA A 297 17.73 6.14 -1.81
N SER A 298 18.89 6.75 -1.66
CA SER A 298 20.06 6.38 -2.44
C SER A 298 20.43 4.91 -2.22
N GLY A 299 20.78 4.22 -3.30
CA GLY A 299 21.17 2.82 -3.20
C GLY A 299 20.06 1.79 -3.03
N ILE A 300 18.80 2.23 -2.99
CA ILE A 300 17.68 1.29 -2.83
C ILE A 300 16.99 1.01 -4.16
N PRO A 301 17.16 -0.23 -4.70
CA PRO A 301 16.54 -0.60 -5.97
C PRO A 301 15.01 -0.49 -5.88
N LEU A 302 14.39 -0.04 -6.97
CA LEU A 302 12.95 0.15 -7.01
C LEU A 302 12.28 -0.45 -8.24
N LEU A 303 11.25 -1.24 -7.99
CA LEU A 303 10.44 -1.86 -9.04
C LEU A 303 9.13 -1.09 -8.88
N ILE A 304 8.72 -0.38 -9.93
CA ILE A 304 7.51 0.43 -9.82
C ILE A 304 6.70 0.41 -11.12
N GLY A 305 5.38 0.49 -10.97
CA GLY A 305 4.52 0.48 -12.14
C GLY A 305 3.07 0.83 -11.85
N THR A 306 2.24 0.68 -12.88
CA THR A 306 0.82 0.98 -12.78
C THR A 306 0.08 0.05 -13.75
N THR A 307 -1.25 0.09 -13.72
CA THR A 307 -2.02 -0.70 -14.67
C THR A 307 -2.43 0.30 -15.74
N ARG A 308 -2.57 -0.18 -16.98
CA ARG A 308 -2.94 0.68 -18.10
C ARG A 308 -4.26 1.41 -17.90
N ASP A 309 -5.24 0.72 -17.32
CA ASP A 309 -6.57 1.31 -17.14
C ASP A 309 -7.01 1.51 -15.70
N GLU A 310 -6.07 1.94 -14.85
CA GLU A 310 -6.34 2.17 -13.42
C GLU A 310 -7.75 2.67 -13.10
N GLY A 311 -8.07 3.85 -13.62
CA GLY A 311 -9.35 4.49 -13.36
C GLY A 311 -10.65 3.70 -13.48
N TYR A 312 -10.72 2.76 -14.41
CA TYR A 312 -11.94 1.98 -14.60
C TYR A 312 -12.39 1.19 -13.39
N PHE A 313 -11.59 1.19 -12.34
CA PHE A 313 -11.91 0.47 -11.11
C PHE A 313 -12.76 1.36 -10.20
N PHE A 314 -12.63 2.67 -10.34
CA PHE A 314 -13.36 3.60 -9.48
C PHE A 314 -14.69 4.11 -10.03
N PHE A 315 -14.93 3.98 -11.33
CA PHE A 315 -16.19 4.46 -11.90
C PHE A 315 -16.85 3.49 -12.89
N THR A 316 -18.12 3.21 -12.67
CA THR A 316 -18.88 2.33 -13.55
C THR A 316 -19.52 3.19 -14.64
N PRO A 317 -20.01 2.57 -15.72
CA PRO A 317 -20.63 3.33 -16.81
C PRO A 317 -21.85 4.15 -16.38
N ASP A 318 -22.35 3.88 -15.17
CA ASP A 318 -23.51 4.60 -14.64
C ASP A 318 -23.15 5.54 -13.50
N SER A 319 -21.85 5.81 -13.35
CA SER A 319 -21.38 6.70 -12.29
C SER A 319 -21.64 8.17 -12.59
N ASP A 320 -22.02 8.91 -11.55
CA ASP A 320 -22.29 10.34 -11.68
C ASP A 320 -21.03 11.04 -12.14
N VAL A 321 -21.20 12.09 -12.93
CA VAL A 321 -20.07 12.86 -13.44
C VAL A 321 -19.89 14.13 -12.61
N TYR A 322 -18.68 14.28 -12.06
CA TYR A 322 -18.35 15.45 -11.25
C TYR A 322 -18.63 16.75 -11.99
N SER A 323 -18.99 17.79 -11.25
CA SER A 323 -19.27 19.09 -11.84
C SER A 323 -17.97 19.76 -12.31
N GLN A 324 -18.08 20.80 -13.13
CA GLN A 324 -16.90 21.50 -13.61
C GLN A 324 -16.18 22.09 -12.41
N GLU A 325 -16.96 22.67 -11.50
CA GLU A 325 -16.44 23.28 -10.29
C GLU A 325 -15.50 22.32 -9.55
N THR A 326 -15.97 21.10 -9.30
CA THR A 326 -15.20 20.09 -8.61
C THR A 326 -14.02 19.57 -9.44
N LEU A 327 -14.23 19.46 -10.74
CA LEU A 327 -13.19 18.99 -11.64
C LEU A 327 -12.03 19.98 -11.72
N ASP A 328 -12.35 21.27 -11.87
CA ASP A 328 -11.31 22.30 -11.94
C ASP A 328 -10.52 22.31 -10.64
N ALA A 329 -11.23 22.20 -9.53
CA ALA A 329 -10.60 22.21 -8.22
C ALA A 329 -9.63 21.04 -8.09
N ALA A 330 -9.98 19.91 -8.69
CA ALA A 330 -9.16 18.71 -8.64
C ALA A 330 -7.89 18.90 -9.47
N LEU A 331 -8.06 19.27 -10.73
CA LEU A 331 -6.93 19.49 -11.63
C LEU A 331 -5.96 20.51 -11.05
N GLU A 332 -6.50 21.57 -10.46
CA GLU A 332 -5.69 22.62 -9.85
C GLU A 332 -4.92 22.11 -8.65
N TYR A 333 -5.58 21.28 -7.84
CA TYR A 333 -4.94 20.73 -6.66
C TYR A 333 -3.84 19.74 -7.04
N LEU A 334 -4.07 18.97 -8.10
CA LEU A 334 -3.10 17.99 -8.54
C LEU A 334 -1.93 18.54 -9.33
N LEU A 335 -2.19 19.46 -10.26
CA LEU A 335 -1.13 20.02 -11.10
C LEU A 335 -0.76 21.48 -10.85
N GLY A 336 -1.54 22.19 -10.04
CA GLY A 336 -1.26 23.58 -9.79
C GLY A 336 -1.96 24.42 -10.84
N LYS A 337 -2.30 25.66 -10.49
CA LYS A 337 -3.00 26.56 -11.40
C LYS A 337 -2.48 26.58 -12.84
N PRO A 338 -1.20 26.89 -13.04
CA PRO A 338 -0.62 26.95 -14.39
C PRO A 338 -0.83 25.70 -15.24
N LEU A 339 -0.28 24.57 -14.79
CA LEU A 339 -0.40 23.32 -15.53
C LEU A 339 -1.85 22.88 -15.66
N ALA A 340 -2.63 23.10 -14.61
CA ALA A 340 -4.04 22.74 -14.62
C ALA A 340 -4.72 23.39 -15.82
N GLU A 341 -4.47 24.67 -16.03
CA GLU A 341 -5.06 25.39 -17.15
C GLU A 341 -4.54 24.85 -18.48
N LYS A 342 -3.23 24.64 -18.57
CA LYS A 342 -2.61 24.13 -19.79
C LYS A 342 -3.21 22.78 -20.18
N VAL A 343 -3.43 21.93 -19.20
CA VAL A 343 -3.95 20.60 -19.44
C VAL A 343 -5.48 20.51 -19.43
N ALA A 344 -6.15 21.55 -18.95
CA ALA A 344 -7.61 21.56 -18.90
C ALA A 344 -8.15 20.96 -20.20
N ASP A 345 -7.44 21.27 -21.28
CA ASP A 345 -7.78 20.79 -22.62
C ASP A 345 -7.90 19.27 -22.69
N LEU A 346 -6.95 18.57 -22.08
CA LEU A 346 -6.94 17.11 -22.08
C LEU A 346 -8.17 16.45 -21.45
N TYR A 347 -8.76 17.10 -20.45
CA TYR A 347 -9.90 16.51 -19.77
C TYR A 347 -11.23 17.26 -19.84
N PRO A 348 -11.87 17.26 -21.01
CA PRO A 348 -13.16 17.94 -21.16
C PRO A 348 -14.22 17.15 -20.40
N ARG A 349 -14.90 17.83 -19.48
CA ARG A 349 -15.94 17.20 -18.65
C ARG A 349 -16.60 16.01 -19.32
N SER A 350 -16.71 14.92 -18.56
CA SER A 350 -17.32 13.67 -19.03
C SER A 350 -16.82 12.53 -18.16
N LEU A 351 -17.49 11.39 -18.23
CA LEU A 351 -17.08 10.23 -17.44
C LEU A 351 -15.68 9.81 -17.89
N GLU A 352 -15.47 9.83 -19.20
CA GLU A 352 -14.19 9.46 -19.79
C GLU A 352 -13.03 10.23 -19.17
N SER A 353 -13.09 11.56 -19.24
CA SER A 353 -12.05 12.41 -18.69
C SER A 353 -11.86 12.18 -17.19
N GLN A 354 -12.97 12.01 -16.49
CA GLN A 354 -12.96 11.77 -15.06
C GLN A 354 -12.08 10.56 -14.77
N ILE A 355 -12.36 9.46 -15.47
CA ILE A 355 -11.60 8.23 -15.31
C ILE A 355 -10.14 8.41 -15.74
N HIS A 356 -9.91 9.09 -16.86
CA HIS A 356 -8.55 9.32 -17.32
C HIS A 356 -7.78 10.20 -16.35
N MET A 357 -8.51 11.04 -15.60
CA MET A 357 -7.88 11.91 -14.63
C MET A 357 -7.34 11.06 -13.48
N VAL A 358 -8.08 10.00 -13.15
CA VAL A 358 -7.66 9.09 -12.08
C VAL A 358 -6.38 8.37 -12.52
N THR A 359 -6.46 7.68 -13.65
CA THR A 359 -5.33 6.94 -14.18
C THR A 359 -4.08 7.80 -14.39
N ASP A 360 -4.27 8.96 -15.03
CA ASP A 360 -3.17 9.86 -15.35
C ASP A 360 -2.56 10.67 -14.22
N LEU A 361 -3.42 11.24 -13.37
CA LEU A 361 -2.95 12.11 -12.30
C LEU A 361 -2.83 11.48 -10.92
N LEU A 362 -3.62 10.44 -10.66
CA LEU A 362 -3.55 9.77 -9.37
C LEU A 362 -2.57 8.59 -9.39
N PHE A 363 -2.26 8.07 -10.57
CA PHE A 363 -1.33 6.95 -10.66
C PHE A 363 -0.14 7.04 -11.61
N TRP A 364 -0.41 7.24 -12.90
CA TRP A 364 0.66 7.28 -13.88
C TRP A 364 1.69 8.41 -13.71
N ARG A 365 1.21 9.65 -13.60
CA ARG A 365 2.11 10.78 -13.45
C ARG A 365 2.95 10.67 -12.17
N PRO A 366 2.33 10.29 -11.03
CA PRO A 366 3.12 10.17 -9.81
C PRO A 366 4.16 9.05 -9.93
N ALA A 367 3.79 7.98 -10.62
CA ALA A 367 4.69 6.84 -10.80
C ALA A 367 5.92 7.22 -11.63
N VAL A 368 5.70 7.89 -12.75
CA VAL A 368 6.79 8.31 -13.63
C VAL A 368 7.67 9.33 -12.90
N ALA A 369 7.03 10.20 -12.13
CA ALA A 369 7.74 11.22 -11.38
C ALA A 369 8.64 10.57 -10.31
N PHE A 370 8.13 9.52 -9.67
CA PHE A 370 8.91 8.84 -8.63
C PHE A 370 10.04 8.02 -9.24
N ALA A 371 9.73 7.28 -10.30
CA ALA A 371 10.72 6.44 -10.98
C ALA A 371 11.85 7.32 -11.53
N SER A 372 11.47 8.42 -12.17
CA SER A 372 12.43 9.35 -12.75
C SER A 372 13.38 9.91 -11.72
N ALA A 373 12.82 10.33 -10.59
CA ALA A 373 13.61 10.91 -9.50
C ALA A 373 14.58 9.89 -8.91
N GLN A 374 14.08 8.69 -8.64
CA GLN A 374 14.91 7.66 -8.04
C GLN A 374 15.99 7.15 -8.99
N SER A 375 15.78 7.26 -10.30
CA SER A 375 16.76 6.77 -11.28
C SER A 375 18.13 7.45 -11.19
N HIS A 376 18.22 8.54 -10.44
CA HIS A 376 19.50 9.25 -10.30
C HIS A 376 20.24 8.81 -9.05
N TYR A 377 19.67 7.87 -8.30
CA TYR A 377 20.31 7.40 -7.08
C TYR A 377 20.28 5.89 -6.87
N ALA A 378 19.55 5.16 -7.71
CA ALA A 378 19.47 3.70 -7.56
C ALA A 378 18.92 3.06 -8.83
N PRO A 379 18.99 1.72 -8.91
CA PRO A 379 18.45 1.07 -10.10
C PRO A 379 16.92 1.16 -10.04
N VAL A 380 16.30 1.45 -11.18
CA VAL A 380 14.84 1.55 -11.23
C VAL A 380 14.35 0.69 -12.38
N TRP A 381 13.27 -0.05 -12.14
CA TRP A 381 12.66 -0.91 -13.15
C TRP A 381 11.18 -0.56 -13.20
N MET A 382 10.67 -0.26 -14.38
CA MET A 382 9.27 0.14 -14.49
C MET A 382 8.45 -0.75 -15.41
N TYR A 383 7.17 -0.89 -15.10
CA TYR A 383 6.27 -1.72 -15.89
C TYR A 383 4.90 -1.06 -16.01
N ARG A 384 4.10 -1.60 -16.93
CA ARG A 384 2.71 -1.17 -17.12
C ARG A 384 2.01 -2.50 -17.32
N PHE A 385 0.97 -2.73 -16.53
CA PHE A 385 0.19 -3.96 -16.59
C PHE A 385 -0.99 -3.74 -17.52
N ASP A 386 -0.99 -4.43 -18.66
CA ASP A 386 -2.05 -4.28 -19.66
C ASP A 386 -3.11 -5.39 -19.70
N TRP A 387 -2.83 -6.54 -19.09
CA TRP A 387 -3.76 -7.66 -19.12
C TRP A 387 -5.18 -7.38 -18.61
N HIS A 388 -6.15 -8.01 -19.26
CA HIS A 388 -7.55 -7.94 -18.89
C HIS A 388 -8.35 -8.88 -19.77
N PRO A 389 -9.48 -9.40 -19.26
CA PRO A 389 -10.28 -10.32 -20.08
C PRO A 389 -10.65 -9.55 -21.34
N GLU A 390 -10.81 -10.25 -22.46
CA GLU A 390 -11.13 -9.56 -23.71
C GLU A 390 -12.59 -9.10 -23.81
N LYS A 391 -13.52 -9.98 -23.43
CA LYS A 391 -14.94 -9.66 -23.51
C LYS A 391 -15.40 -8.83 -22.31
N PRO A 392 -16.37 -7.91 -22.52
CA PRO A 392 -16.90 -7.07 -21.45
C PRO A 392 -17.53 -7.92 -20.35
N PRO A 393 -17.84 -7.32 -19.19
CA PRO A 393 -17.66 -5.92 -18.82
C PRO A 393 -16.33 -5.64 -18.12
N TYR A 394 -15.51 -6.68 -17.94
CA TYR A 394 -14.22 -6.54 -17.26
C TYR A 394 -13.02 -6.43 -18.19
N ASN A 395 -13.22 -5.87 -19.38
CA ASN A 395 -12.16 -5.75 -20.36
C ASN A 395 -11.35 -4.44 -20.23
N LYS A 396 -10.73 -4.25 -19.07
CA LYS A 396 -9.90 -3.09 -18.78
C LYS A 396 -8.84 -3.51 -17.74
N ALA A 397 -7.61 -3.06 -17.92
CA ALA A 397 -6.55 -3.38 -16.97
C ALA A 397 -6.70 -2.39 -15.82
N PHE A 398 -7.68 -2.64 -14.96
CA PHE A 398 -7.98 -1.75 -13.85
C PHE A 398 -7.21 -1.96 -12.55
N HIS A 399 -7.24 -0.92 -11.72
CA HIS A 399 -6.59 -0.89 -10.40
C HIS A 399 -6.91 -2.16 -9.62
N THR A 400 -5.86 -2.78 -9.06
CA THR A 400 -6.01 -4.00 -8.26
C THR A 400 -5.88 -5.31 -9.05
N LEU A 401 -6.11 -5.25 -10.36
CA LEU A 401 -6.10 -6.46 -11.19
C LEU A 401 -4.81 -7.29 -11.23
N GLU A 402 -3.64 -6.69 -11.00
CA GLU A 402 -2.41 -7.47 -11.04
C GLU A 402 -2.17 -8.26 -9.75
N LEU A 403 -2.89 -7.91 -8.68
CA LEU A 403 -2.71 -8.57 -7.39
C LEU A 403 -2.81 -10.10 -7.39
N PRO A 404 -3.84 -10.67 -8.03
CA PRO A 404 -3.90 -12.14 -8.01
C PRO A 404 -2.67 -12.77 -8.64
N PHE A 405 -2.12 -12.12 -9.68
CA PHE A 405 -0.93 -12.64 -10.35
C PHE A 405 0.30 -12.57 -9.45
N VAL A 406 0.47 -11.45 -8.74
CA VAL A 406 1.62 -11.30 -7.85
C VAL A 406 1.63 -12.36 -6.76
N PHE A 407 0.51 -12.52 -6.07
CA PHE A 407 0.42 -13.50 -5.01
C PHE A 407 0.16 -14.94 -5.46
N GLY A 408 -0.23 -15.12 -6.72
CA GLY A 408 -0.48 -16.47 -7.20
C GLY A 408 -1.79 -17.06 -6.68
N ASN A 409 -2.64 -16.25 -6.08
CA ASN A 409 -3.93 -16.71 -5.58
C ASN A 409 -4.96 -16.41 -6.67
N LEU A 410 -4.85 -17.15 -7.76
CA LEU A 410 -5.69 -16.97 -8.94
C LEU A 410 -7.20 -17.22 -8.77
N ASP A 411 -7.61 -17.82 -7.67
CA ASP A 411 -9.04 -18.04 -7.44
C ASP A 411 -9.71 -16.69 -7.22
N GLU A 412 -8.92 -15.71 -6.80
CA GLU A 412 -9.47 -14.37 -6.56
C GLU A 412 -9.91 -13.70 -7.85
N LEU A 413 -9.38 -14.14 -8.99
CA LEU A 413 -9.75 -13.54 -10.27
C LEU A 413 -11.21 -13.76 -10.60
N GLU A 414 -11.85 -14.69 -9.90
CA GLU A 414 -13.25 -14.99 -10.12
C GLU A 414 -14.10 -13.82 -9.61
N ARG A 415 -13.84 -13.37 -8.40
CA ARG A 415 -14.60 -12.27 -7.83
C ARG A 415 -14.17 -10.90 -8.40
N MET A 416 -12.90 -10.77 -8.74
CA MET A 416 -12.38 -9.51 -9.27
C MET A 416 -12.73 -9.19 -10.71
N ALA A 417 -12.73 -10.19 -11.58
CA ALA A 417 -13.03 -9.96 -12.99
C ALA A 417 -13.68 -11.15 -13.68
N LYS A 418 -14.31 -12.02 -12.88
CA LYS A 418 -14.99 -13.20 -13.41
C LYS A 418 -14.18 -13.85 -14.52
N ALA A 419 -12.86 -13.93 -14.32
CA ALA A 419 -11.97 -14.51 -15.30
C ALA A 419 -11.54 -15.91 -14.91
N GLU A 420 -11.56 -16.81 -15.88
CA GLU A 420 -11.16 -18.19 -15.61
C GLU A 420 -9.64 -18.33 -15.62
N ILE A 421 -9.14 -19.33 -14.90
CA ILE A 421 -7.70 -19.57 -14.83
C ILE A 421 -7.22 -20.36 -16.04
N THR A 422 -6.87 -19.64 -17.10
CA THR A 422 -6.37 -20.26 -18.32
C THR A 422 -4.86 -20.42 -18.20
N ASP A 423 -4.26 -21.13 -19.15
CA ASP A 423 -2.81 -21.31 -19.11
C ASP A 423 -2.17 -19.95 -19.32
N GLU A 424 -2.91 -19.08 -19.98
CA GLU A 424 -2.44 -17.73 -20.27
C GLU A 424 -2.31 -17.01 -18.92
N VAL A 425 -3.34 -17.12 -18.10
CA VAL A 425 -3.33 -16.49 -16.79
C VAL A 425 -2.26 -17.08 -15.89
N LYS A 426 -2.18 -18.41 -15.82
CA LYS A 426 -1.17 -19.06 -14.98
C LYS A 426 0.25 -18.71 -15.44
N GLN A 427 0.43 -18.49 -16.73
CA GLN A 427 1.74 -18.14 -17.27
C GLN A 427 2.14 -16.72 -16.91
N LEU A 428 1.18 -15.80 -16.97
CA LEU A 428 1.47 -14.41 -16.63
C LEU A 428 1.80 -14.32 -15.14
N SER A 429 1.06 -15.06 -14.32
CA SER A 429 1.29 -15.07 -12.88
C SER A 429 2.69 -15.60 -12.57
N HIS A 430 3.08 -16.67 -13.27
CA HIS A 430 4.39 -17.27 -13.07
C HIS A 430 5.50 -16.27 -13.40
N THR A 431 5.35 -15.55 -14.51
CA THR A 431 6.34 -14.58 -14.93
C THR A 431 6.41 -13.41 -13.93
N ILE A 432 5.27 -12.96 -13.44
CA ILE A 432 5.26 -11.87 -12.48
C ILE A 432 5.84 -12.28 -11.13
N GLN A 433 5.42 -13.43 -10.59
CA GLN A 433 5.95 -13.89 -9.30
C GLN A 433 7.45 -14.13 -9.40
N SER A 434 7.87 -14.65 -10.55
CA SER A 434 9.27 -14.94 -10.79
C SER A 434 10.10 -13.66 -10.78
N ALA A 435 9.58 -12.61 -11.40
CA ALA A 435 10.28 -11.33 -11.46
C ALA A 435 10.30 -10.62 -10.10
N TRP A 436 9.19 -10.69 -9.38
CA TRP A 436 9.08 -10.06 -8.07
C TRP A 436 10.03 -10.70 -7.06
N THR A 437 10.11 -12.03 -7.08
CA THR A 437 10.98 -12.76 -6.16
C THR A 437 12.45 -12.68 -6.56
N THR A 438 12.73 -12.60 -7.85
CA THR A 438 14.11 -12.48 -8.31
C THR A 438 14.59 -11.07 -7.94
N PHE A 439 13.69 -10.10 -8.01
CA PHE A 439 14.03 -8.73 -7.65
C PHE A 439 14.35 -8.70 -6.15
N ALA A 440 13.52 -9.35 -5.34
CA ALA A 440 13.74 -9.39 -3.89
C ALA A 440 15.08 -10.05 -3.56
N LYS A 441 15.49 -11.00 -4.40
CA LYS A 441 16.75 -11.71 -4.19
C LYS A 441 17.98 -10.98 -4.70
N THR A 442 17.84 -10.30 -5.84
CA THR A 442 18.99 -9.65 -6.46
C THR A 442 18.90 -8.16 -6.76
N GLY A 443 17.71 -7.58 -6.71
CA GLY A 443 17.57 -6.17 -7.01
C GLY A 443 17.40 -5.93 -8.51
N ASN A 444 17.19 -7.01 -9.24
CA ASN A 444 16.99 -6.97 -10.70
C ASN A 444 15.88 -7.99 -10.98
N PRO A 445 14.78 -7.54 -11.61
CA PRO A 445 13.66 -8.44 -11.89
C PRO A 445 13.76 -9.28 -13.16
N SER A 446 14.93 -9.28 -13.80
CA SER A 446 15.10 -10.07 -15.03
C SER A 446 15.04 -11.57 -14.75
N THR A 447 14.33 -12.28 -15.62
CA THR A 447 14.19 -13.74 -15.52
C THR A 447 14.15 -14.30 -16.94
N GLU A 448 14.29 -15.62 -17.08
CA GLU A 448 14.27 -16.24 -18.40
C GLU A 448 13.10 -15.72 -19.23
N ALA A 449 12.00 -15.41 -18.56
CA ALA A 449 10.80 -14.92 -19.20
C ALA A 449 10.91 -13.46 -19.67
N VAL A 450 11.74 -12.67 -18.99
CA VAL A 450 11.89 -11.26 -19.35
C VAL A 450 13.25 -10.66 -18.99
N ASN A 451 13.88 -9.97 -19.95
CA ASN A 451 15.14 -9.28 -19.66
C ASN A 451 14.75 -7.83 -19.46
N TRP A 452 14.56 -7.46 -18.19
CA TRP A 452 14.13 -6.12 -17.82
C TRP A 452 15.18 -5.02 -17.98
N PRO A 453 14.91 -4.03 -18.84
CA PRO A 453 15.87 -2.93 -19.04
C PRO A 453 15.76 -1.91 -17.92
N ALA A 454 16.89 -1.33 -17.53
CA ALA A 454 16.91 -0.33 -16.47
C ALA A 454 16.21 0.93 -16.94
N TYR A 455 15.39 1.51 -16.08
CA TYR A 455 14.64 2.71 -16.41
C TYR A 455 15.42 3.97 -16.03
N HIS A 456 15.65 4.84 -17.01
CA HIS A 456 16.32 6.10 -16.77
C HIS A 456 15.72 7.12 -17.71
N GLU A 457 15.80 8.39 -17.33
CA GLU A 457 15.18 9.46 -18.11
C GLU A 457 15.58 9.65 -19.57
N GLU A 458 16.73 9.11 -19.98
CA GLU A 458 17.19 9.24 -21.36
C GLU A 458 16.38 8.38 -22.33
N SER A 459 15.96 7.20 -21.90
CA SER A 459 15.19 6.29 -22.77
C SER A 459 13.84 5.82 -22.21
N ARG A 460 13.70 5.81 -20.89
CA ARG A 460 12.46 5.41 -20.24
C ARG A 460 11.90 4.08 -20.75
N GLU A 461 12.72 3.05 -20.80
CA GLU A 461 12.28 1.74 -21.27
C GLU A 461 11.36 1.14 -20.22
N THR A 462 10.22 0.62 -20.69
CA THR A 462 9.19 0.08 -19.80
C THR A 462 8.73 -1.30 -20.21
N VAL A 463 8.64 -2.20 -19.25
CA VAL A 463 8.18 -3.57 -19.51
C VAL A 463 6.66 -3.62 -19.44
N ILE A 464 6.05 -4.22 -20.45
CA ILE A 464 4.60 -4.35 -20.52
C ILE A 464 4.22 -5.77 -20.14
N LEU A 465 3.53 -5.90 -19.00
CA LEU A 465 3.12 -7.21 -18.50
C LEU A 465 1.76 -7.56 -19.11
N ASP A 466 1.69 -8.70 -19.77
CA ASP A 466 0.46 -9.15 -20.44
C ASP A 466 0.73 -10.58 -20.93
N SER A 467 -0.26 -11.19 -21.56
CA SER A 467 -0.11 -12.56 -22.06
C SER A 467 1.20 -12.71 -22.81
N GLU A 468 1.60 -11.65 -23.50
CA GLU A 468 2.85 -11.62 -24.23
C GLU A 468 3.63 -10.43 -23.65
N ILE A 469 4.85 -10.69 -23.20
CA ILE A 469 5.67 -9.63 -22.62
C ILE A 469 6.29 -8.79 -23.74
N THR A 470 6.24 -7.47 -23.59
CA THR A 470 6.85 -6.58 -24.57
C THR A 470 7.51 -5.41 -23.83
N ILE A 471 8.32 -4.66 -24.56
CA ILE A 471 9.00 -3.50 -24.01
C ILE A 471 8.70 -2.28 -24.86
N GLU A 472 8.35 -1.18 -24.20
CA GLU A 472 8.05 0.07 -24.91
C GLU A 472 9.01 1.15 -24.45
N ASN A 473 9.54 1.93 -25.39
CA ASN A 473 10.46 2.98 -25.04
C ASN A 473 9.72 4.30 -24.93
N ASP A 474 9.81 4.93 -23.77
CA ASP A 474 9.15 6.20 -23.51
C ASP A 474 7.67 6.14 -23.89
N PRO A 475 6.92 5.21 -23.29
CA PRO A 475 5.48 5.07 -23.59
C PRO A 475 4.70 6.34 -23.31
N GLU A 476 3.72 6.62 -24.16
CA GLU A 476 2.87 7.81 -24.02
C GLU A 476 3.73 9.07 -23.89
N SER A 477 4.66 9.24 -24.83
CA SER A 477 5.56 10.39 -24.85
C SER A 477 4.81 11.72 -24.87
N GLU A 478 3.80 11.81 -25.74
CA GLU A 478 3.00 13.03 -25.86
C GLU A 478 2.46 13.47 -24.51
N LYS A 479 1.71 12.58 -23.86
CA LYS A 479 1.11 12.87 -22.57
C LYS A 479 2.18 13.25 -21.55
N ARG A 480 3.25 12.48 -21.48
CA ARG A 480 4.34 12.77 -20.55
C ARG A 480 4.80 14.21 -20.73
N GLN A 481 5.15 14.56 -21.97
CA GLN A 481 5.62 15.90 -22.27
C GLN A 481 4.56 16.94 -21.89
N LYS A 482 3.29 16.55 -21.99
CA LYS A 482 2.20 17.45 -21.63
C LYS A 482 2.11 17.63 -20.12
N LEU A 483 2.17 16.52 -19.38
CA LEU A 483 2.07 16.55 -17.93
C LEU A 483 3.35 17.01 -17.22
N PHE A 484 4.47 17.00 -17.93
CA PHE A 484 5.73 17.44 -17.35
C PHE A 484 6.33 18.61 -18.15
CA CA B . 10.40 -28.61 16.41
#